data_2MUF
# 
_entry.id   2MUF 
# 
_audit_conform.dict_name       mmcif_pdbx.dic 
_audit_conform.dict_version    5.392 
_audit_conform.dict_location   http://mmcif.pdb.org/dictionaries/ascii/mmcif_pdbx.dic 
# 
loop_
_database_2.database_id 
_database_2.database_code 
_database_2.pdbx_database_accession 
_database_2.pdbx_DOI 
PDB   2MUF         pdb_00002muf 10.2210/pdb2muf/pdb 
RCSB  RCSB104057   ?            ?                   
BMRB  25209        ?            10.13018/BMR25209   
WWPDB D_1000104057 ?            ?                   
# 
loop_
_pdbx_audit_revision_history.ordinal 
_pdbx_audit_revision_history.data_content_type 
_pdbx_audit_revision_history.major_revision 
_pdbx_audit_revision_history.minor_revision 
_pdbx_audit_revision_history.revision_date 
1 'Structure model' 1 0 2015-09-23 
2 'Structure model' 1 1 2023-06-14 
3 'Structure model' 1 2 2024-05-15 
# 
_pdbx_audit_revision_details.ordinal             1 
_pdbx_audit_revision_details.revision_ordinal    1 
_pdbx_audit_revision_details.data_content_type   'Structure model' 
_pdbx_audit_revision_details.provider            repository 
_pdbx_audit_revision_details.type                'Initial release' 
_pdbx_audit_revision_details.description         ? 
_pdbx_audit_revision_details.details             ? 
# 
loop_
_pdbx_audit_revision_group.ordinal 
_pdbx_audit_revision_group.revision_ordinal 
_pdbx_audit_revision_group.data_content_type 
_pdbx_audit_revision_group.group 
1 2 'Structure model' 'Data collection'     
2 2 'Structure model' 'Database references' 
3 2 'Structure model' Other                 
4 3 'Structure model' 'Data collection'     
5 3 'Structure model' 'Database references' 
# 
loop_
_pdbx_audit_revision_category.ordinal 
_pdbx_audit_revision_category.revision_ordinal 
_pdbx_audit_revision_category.data_content_type 
_pdbx_audit_revision_category.category 
1 2 'Structure model' database_2           
2 2 'Structure model' pdbx_database_status 
3 2 'Structure model' pdbx_nmr_software    
4 3 'Structure model' chem_comp_atom       
5 3 'Structure model' chem_comp_bond       
6 3 'Structure model' database_2           
# 
loop_
_pdbx_audit_revision_item.ordinal 
_pdbx_audit_revision_item.revision_ordinal 
_pdbx_audit_revision_item.data_content_type 
_pdbx_audit_revision_item.item 
1 2 'Structure model' '_database_2.pdbx_DOI'                       
2 2 'Structure model' '_database_2.pdbx_database_accession'        
3 2 'Structure model' '_pdbx_database_status.status_code_nmr_data' 
4 2 'Structure model' '_pdbx_nmr_software.name'                    
5 3 'Structure model' '_database_2.pdbx_DOI'                       
# 
_pdbx_database_status.deposit_site                    BMRB 
_pdbx_database_status.entry_id                        2MUF 
_pdbx_database_status.process_site                    RCSB 
_pdbx_database_status.recvd_initial_deposition_date   2014-09-09 
_pdbx_database_status.SG_entry                        ? 
_pdbx_database_status.status_code                     REL 
_pdbx_database_status.status_code_mr                  REL 
_pdbx_database_status.status_code_sf                  ? 
_pdbx_database_status.status_code_cs                  REL 
_pdbx_database_status.methods_development_category    ? 
_pdbx_database_status.pdb_format_compatible           Y 
_pdbx_database_status.status_code_nmr_data            REL 
# 
_pdbx_database_related.db_id          25209 
_pdbx_database_related.db_name        BMRB 
_pdbx_database_related.content_type   unspecified 
_pdbx_database_related.details        . 
# 
loop_
_audit_author.name 
_audit_author.pdbx_ordinal 
'Curtidor, H.'       1 
'Arevalo-Pinzon, G.' 2 
'Bermudez, A.'       3 
'Calderon, D.'       4 
'Vanegas, M.'        5 
'Patino, L.'         6 
'Patarroyo, M.'      7 
# 
_citation.id                        primary 
_citation.title                     
'Binding activity, structure, and immunogenicity of synthetic peptides derived from Plasmodium falciparum CelTOS and TRSP proteins.' 
_citation.journal_abbrev            'Amino Acids' 
_citation.journal_volume            43 
_citation.page_first                365 
_citation.page_last                 378 
_citation.year                      2012 
_citation.journal_id_ASTM           ? 
_citation.country                   AT 
_citation.journal_id_ISSN           0939-4451 
_citation.journal_id_CSD            ? 
_citation.book_publisher            ? 
_citation.pdbx_database_id_PubMed   21952731 
_citation.pdbx_database_id_DOI      10.1007/s00726-011-1087-8 
# 
loop_
_citation_author.citation_id 
_citation_author.name 
_citation_author.ordinal 
_citation_author.identifier_ORCID 
primary 'Curtidor, H.'       1 ? 
primary 'Arevalo-Pinzon, G.' 2 ? 
primary 'Bermudez, A.'       3 ? 
primary 'Calderon, D.'       4 ? 
primary 'Vanegas, M.'        5 ? 
primary 'Patino, L.C.'       6 ? 
primary 'Patarroyo, M.A.'    7 ? 
primary 'Patarroyo, M.E.'    8 ? 
# 
_entity.id                         1 
_entity.type                       polymer 
_entity.src_method                 syn 
_entity.pdbx_description           TRSP 
_entity.formula_weight             2432.674 
_entity.pdbx_number_of_molecules   1 
_entity.pdbx_ec                    ? 
_entity.pdbx_mutation              ? 
_entity.pdbx_fragment              'UNP residues 3-22' 
_entity.details                    ? 
# 
_entity_poly.entity_id                      1 
_entity_poly.type                           'polypeptide(L)' 
_entity_poly.nstd_linkage                   no 
_entity_poly.nstd_monomer                   no 
_entity_poly.pdbx_seq_one_letter_code       SDVRYNKSFINNRLLNEHAH 
_entity_poly.pdbx_seq_one_letter_code_can   SDVRYNKSFINNRLLNEHAH 
_entity_poly.pdbx_strand_id                 A 
_entity_poly.pdbx_target_identifier         ? 
# 
loop_
_entity_poly_seq.entity_id 
_entity_poly_seq.num 
_entity_poly_seq.mon_id 
_entity_poly_seq.hetero 
1 1  SER n 
1 2  ASP n 
1 3  VAL n 
1 4  ARG n 
1 5  TYR n 
1 6  ASN n 
1 7  LYS n 
1 8  SER n 
1 9  PHE n 
1 10 ILE n 
1 11 ASN n 
1 12 ASN n 
1 13 ARG n 
1 14 LEU n 
1 15 LEU n 
1 16 ASN n 
1 17 GLU n 
1 18 HIS n 
1 19 ALA n 
1 20 HIS n 
# 
_pdbx_entity_src_syn.entity_id              1 
_pdbx_entity_src_syn.pdbx_src_id            1 
_pdbx_entity_src_syn.pdbx_alt_source_flag   sample 
_pdbx_entity_src_syn.pdbx_beg_seq_num       ? 
_pdbx_entity_src_syn.pdbx_end_seq_num       ? 
_pdbx_entity_src_syn.organism_scientific    'Plasmodium falciparum' 
_pdbx_entity_src_syn.organism_common_name   ? 
_pdbx_entity_src_syn.ncbi_taxonomy_id       5833 
_pdbx_entity_src_syn.details                ? 
# 
loop_
_chem_comp.id 
_chem_comp.type 
_chem_comp.mon_nstd_flag 
_chem_comp.name 
_chem_comp.pdbx_synonyms 
_chem_comp.formula 
_chem_comp.formula_weight 
ALA 'L-peptide linking' y ALANINE         ? 'C3 H7 N O2'     89.093  
ARG 'L-peptide linking' y ARGININE        ? 'C6 H15 N4 O2 1' 175.209 
ASN 'L-peptide linking' y ASPARAGINE      ? 'C4 H8 N2 O3'    132.118 
ASP 'L-peptide linking' y 'ASPARTIC ACID' ? 'C4 H7 N O4'     133.103 
GLU 'L-peptide linking' y 'GLUTAMIC ACID' ? 'C5 H9 N O4'     147.129 
HIS 'L-peptide linking' y HISTIDINE       ? 'C6 H10 N3 O2 1' 156.162 
ILE 'L-peptide linking' y ISOLEUCINE      ? 'C6 H13 N O2'    131.173 
LEU 'L-peptide linking' y LEUCINE         ? 'C6 H13 N O2'    131.173 
LYS 'L-peptide linking' y LYSINE          ? 'C6 H15 N2 O2 1' 147.195 
PHE 'L-peptide linking' y PHENYLALANINE   ? 'C9 H11 N O2'    165.189 
SER 'L-peptide linking' y SERINE          ? 'C3 H7 N O3'     105.093 
TYR 'L-peptide linking' y TYROSINE        ? 'C9 H11 N O3'    181.189 
VAL 'L-peptide linking' y VALINE          ? 'C5 H11 N O2'    117.146 
# 
loop_
_pdbx_poly_seq_scheme.asym_id 
_pdbx_poly_seq_scheme.entity_id 
_pdbx_poly_seq_scheme.seq_id 
_pdbx_poly_seq_scheme.mon_id 
_pdbx_poly_seq_scheme.ndb_seq_num 
_pdbx_poly_seq_scheme.pdb_seq_num 
_pdbx_poly_seq_scheme.auth_seq_num 
_pdbx_poly_seq_scheme.pdb_mon_id 
_pdbx_poly_seq_scheme.auth_mon_id 
_pdbx_poly_seq_scheme.pdb_strand_id 
_pdbx_poly_seq_scheme.pdb_ins_code 
_pdbx_poly_seq_scheme.hetero 
A 1 1  SER 1  1  1  SER SER A . n 
A 1 2  ASP 2  2  2  ASP ASP A . n 
A 1 3  VAL 3  3  3  VAL VAL A . n 
A 1 4  ARG 4  4  4  ARG ARG A . n 
A 1 5  TYR 5  5  5  TYR TYR A . n 
A 1 6  ASN 6  6  6  ASN ASN A . n 
A 1 7  LYS 7  7  7  LYS LYS A . n 
A 1 8  SER 8  8  8  SER SER A . n 
A 1 9  PHE 9  9  9  PHE PHE A . n 
A 1 10 ILE 10 10 10 ILE ILE A . n 
A 1 11 ASN 11 11 11 ASN ASN A . n 
A 1 12 ASN 12 12 12 ASN ASN A . n 
A 1 13 ARG 13 13 13 ARG ARG A . n 
A 1 14 LEU 14 14 14 LEU LEU A . n 
A 1 15 LEU 15 15 15 LEU LEU A . n 
A 1 16 ASN 16 16 16 ASN ASN A . n 
A 1 17 GLU 17 17 17 GLU GLU A . n 
A 1 18 HIS 18 18 18 HIS HIS A . n 
A 1 19 ALA 19 19 19 ALA ALA A . n 
A 1 20 HIS 20 20 20 HIS HIS A . n 
# 
_exptl.absorpt_coefficient_mu     ? 
_exptl.absorpt_correction_T_max   ? 
_exptl.absorpt_correction_T_min   ? 
_exptl.absorpt_correction_type    ? 
_exptl.absorpt_process_details    ? 
_exptl.crystals_number            ? 
_exptl.details                    ? 
_exptl.entry_id                   2MUF 
_exptl.method                     'SOLUTION NMR' 
_exptl.method_details             ? 
# 
_struct.entry_id                  2MUF 
_struct.title                     
'Binding activity, structure, and immunogenicity of synthetic peptides derived from Plasmodium falciparum CelTOS and TRSP proteins' 
_struct.pdbx_model_details        ? 
_struct.pdbx_CASP_flag            ? 
_struct.pdbx_model_type_details   ? 
# 
_struct_keywords.entry_id        2MUF 
_struct_keywords.pdbx_keywords   'IMMUNE SYSTEM' 
_struct_keywords.text            'TRSP, Vaccine, IMMUNE SYSTEM' 
# 
_struct_asym.id                            A 
_struct_asym.pdbx_blank_PDB_chainid_flag   N 
_struct_asym.pdbx_modified                 N 
_struct_asym.entity_id                     1 
_struct_asym.details                       ? 
# 
_struct_ref.id                         1 
_struct_ref.db_name                    UNP 
_struct_ref.db_code                    M1EUE6_PLAFA 
_struct_ref.pdbx_db_accession          M1EUE6 
_struct_ref.entity_id                  1 
_struct_ref.pdbx_seq_one_letter_code   SDVRYNKSFINNRLLNEHAH 
_struct_ref.pdbx_align_begin           3 
_struct_ref.pdbx_db_isoform            ? 
# 
_struct_ref_seq.align_id                      1 
_struct_ref_seq.ref_id                        1 
_struct_ref_seq.pdbx_PDB_id_code              2MUF 
_struct_ref_seq.pdbx_strand_id                A 
_struct_ref_seq.seq_align_beg                 1 
_struct_ref_seq.pdbx_seq_align_beg_ins_code   ? 
_struct_ref_seq.seq_align_end                 20 
_struct_ref_seq.pdbx_seq_align_end_ins_code   ? 
_struct_ref_seq.pdbx_db_accession             M1EUE6 
_struct_ref_seq.db_align_beg                  3 
_struct_ref_seq.pdbx_db_align_beg_ins_code    ? 
_struct_ref_seq.db_align_end                  22 
_struct_ref_seq.pdbx_db_align_end_ins_code    ? 
_struct_ref_seq.pdbx_auth_seq_align_beg       1 
_struct_ref_seq.pdbx_auth_seq_align_end       20 
# 
_pdbx_struct_assembly.id                   1 
_pdbx_struct_assembly.details              author_defined_assembly 
_pdbx_struct_assembly.method_details       ? 
_pdbx_struct_assembly.oligomeric_details   monomeric 
_pdbx_struct_assembly.oligomeric_count     1 
# 
_pdbx_struct_assembly_gen.assembly_id       1 
_pdbx_struct_assembly_gen.oper_expression   1 
_pdbx_struct_assembly_gen.asym_id_list      A 
# 
_pdbx_struct_oper_list.id                   1 
_pdbx_struct_oper_list.type                 'identity operation' 
_pdbx_struct_oper_list.name                 1_555 
_pdbx_struct_oper_list.symmetry_operation   x,y,z 
_pdbx_struct_oper_list.matrix[1][1]         1.0000000000 
_pdbx_struct_oper_list.matrix[1][2]         0.0000000000 
_pdbx_struct_oper_list.matrix[1][3]         0.0000000000 
_pdbx_struct_oper_list.vector[1]            0.0000000000 
_pdbx_struct_oper_list.matrix[2][1]         0.0000000000 
_pdbx_struct_oper_list.matrix[2][2]         1.0000000000 
_pdbx_struct_oper_list.matrix[2][3]         0.0000000000 
_pdbx_struct_oper_list.vector[2]            0.0000000000 
_pdbx_struct_oper_list.matrix[3][1]         0.0000000000 
_pdbx_struct_oper_list.matrix[3][2]         0.0000000000 
_pdbx_struct_oper_list.matrix[3][3]         1.0000000000 
_pdbx_struct_oper_list.vector[3]            0.0000000000 
# 
_struct_biol.id        1 
_struct_biol.details   ? 
# 
_struct_conf.conf_type_id            HELX_P 
_struct_conf.id                      HELX_P1 
_struct_conf.pdbx_PDB_helix_id       1 
_struct_conf.beg_label_comp_id       PHE 
_struct_conf.beg_label_asym_id       A 
_struct_conf.beg_label_seq_id        9 
_struct_conf.pdbx_beg_PDB_ins_code   ? 
_struct_conf.end_label_comp_id       HIS 
_struct_conf.end_label_asym_id       A 
_struct_conf.end_label_seq_id        20 
_struct_conf.pdbx_end_PDB_ins_code   ? 
_struct_conf.beg_auth_comp_id        PHE 
_struct_conf.beg_auth_asym_id        A 
_struct_conf.beg_auth_seq_id         9 
_struct_conf.end_auth_comp_id        HIS 
_struct_conf.end_auth_asym_id        A 
_struct_conf.end_auth_seq_id         20 
_struct_conf.pdbx_PDB_helix_class    1 
_struct_conf.details                 ? 
_struct_conf.pdbx_PDB_helix_length   12 
# 
_struct_conf_type.id          HELX_P 
_struct_conf_type.criteria    ? 
_struct_conf_type.reference   ? 
# 
_pdbx_validate_rmsd_bond.id                        1 
_pdbx_validate_rmsd_bond.PDB_model_num             1 
_pdbx_validate_rmsd_bond.auth_atom_id_1            CD 
_pdbx_validate_rmsd_bond.auth_asym_id_1            A 
_pdbx_validate_rmsd_bond.auth_comp_id_1            GLU 
_pdbx_validate_rmsd_bond.auth_seq_id_1             17 
_pdbx_validate_rmsd_bond.PDB_ins_code_1            ? 
_pdbx_validate_rmsd_bond.label_alt_id_1            ? 
_pdbx_validate_rmsd_bond.auth_atom_id_2            OE2 
_pdbx_validate_rmsd_bond.auth_asym_id_2            A 
_pdbx_validate_rmsd_bond.auth_comp_id_2            GLU 
_pdbx_validate_rmsd_bond.auth_seq_id_2             17 
_pdbx_validate_rmsd_bond.PDB_ins_code_2            ? 
_pdbx_validate_rmsd_bond.label_alt_id_2            ? 
_pdbx_validate_rmsd_bond.bond_value                1.372 
_pdbx_validate_rmsd_bond.bond_target_value         1.252 
_pdbx_validate_rmsd_bond.bond_deviation            0.120 
_pdbx_validate_rmsd_bond.bond_standard_deviation   0.011 
_pdbx_validate_rmsd_bond.linker_flag               N 
# 
loop_
_pdbx_validate_rmsd_angle.id 
_pdbx_validate_rmsd_angle.PDB_model_num 
_pdbx_validate_rmsd_angle.auth_atom_id_1 
_pdbx_validate_rmsd_angle.auth_asym_id_1 
_pdbx_validate_rmsd_angle.auth_comp_id_1 
_pdbx_validate_rmsd_angle.auth_seq_id_1 
_pdbx_validate_rmsd_angle.PDB_ins_code_1 
_pdbx_validate_rmsd_angle.label_alt_id_1 
_pdbx_validate_rmsd_angle.auth_atom_id_2 
_pdbx_validate_rmsd_angle.auth_asym_id_2 
_pdbx_validate_rmsd_angle.auth_comp_id_2 
_pdbx_validate_rmsd_angle.auth_seq_id_2 
_pdbx_validate_rmsd_angle.PDB_ins_code_2 
_pdbx_validate_rmsd_angle.label_alt_id_2 
_pdbx_validate_rmsd_angle.auth_atom_id_3 
_pdbx_validate_rmsd_angle.auth_asym_id_3 
_pdbx_validate_rmsd_angle.auth_comp_id_3 
_pdbx_validate_rmsd_angle.auth_seq_id_3 
_pdbx_validate_rmsd_angle.PDB_ins_code_3 
_pdbx_validate_rmsd_angle.label_alt_id_3 
_pdbx_validate_rmsd_angle.angle_value 
_pdbx_validate_rmsd_angle.angle_target_value 
_pdbx_validate_rmsd_angle.angle_deviation 
_pdbx_validate_rmsd_angle.angle_standard_deviation 
_pdbx_validate_rmsd_angle.linker_flag 
1 1 CB  A ASP 2  ? ? CG  A ASP 2  ? ? OD2 A ASP 2  ? ? 112.10 118.30 -6.20 0.90 N 
2 1 NE  A ARG 4  ? ? CZ  A ARG 4  ? ? NH1 A ARG 4  ? ? 123.95 120.30 3.65  0.50 N 
3 1 NE  A ARG 13 ? ? CZ  A ARG 13 ? ? NH1 A ARG 13 ? ? 124.09 120.30 3.79  0.50 N 
4 1 ND1 A HIS 18 ? ? CE1 A HIS 18 ? ? NE2 A HIS 18 ? ? 120.18 111.50 8.68  1.30 N 
5 1 ND1 A HIS 20 ? ? CE1 A HIS 20 ? ? NE2 A HIS 20 ? ? 120.24 111.50 8.74  1.30 N 
# 
loop_
_pdbx_validate_torsion.id 
_pdbx_validate_torsion.PDB_model_num 
_pdbx_validate_torsion.auth_comp_id 
_pdbx_validate_torsion.auth_asym_id 
_pdbx_validate_torsion.auth_seq_id 
_pdbx_validate_torsion.PDB_ins_code 
_pdbx_validate_torsion.label_alt_id 
_pdbx_validate_torsion.phi 
_pdbx_validate_torsion.psi 
1 1 ASN A 6 ? ? -137.09 -45.58 
2 1 SER A 8 ? ? -148.36 53.38  
3 1 PHE A 9 ? ? -125.34 -50.97 
# 
_pdbx_nmr_ensemble.average_constraint_violations_per_residue     ? 
_pdbx_nmr_ensemble.average_constraints_per_residue               ? 
_pdbx_nmr_ensemble.average_distance_constraint_violation         ? 
_pdbx_nmr_ensemble.average_torsion_angle_constraint_violation    ? 
_pdbx_nmr_ensemble.conformer_selection_criteria                  'structures with the least restraint violations' 
_pdbx_nmr_ensemble.conformers_calculated_total_number            50 
_pdbx_nmr_ensemble.conformers_submitted_total_number             1 
_pdbx_nmr_ensemble.distance_constraint_violation_method          ? 
_pdbx_nmr_ensemble.entry_id                                      2MUF 
_pdbx_nmr_ensemble.maximum_distance_constraint_violation         ? 
_pdbx_nmr_ensemble.maximum_lower_distance_constraint_violation   ? 
_pdbx_nmr_ensemble.maximum_torsion_angle_constraint_violation    ? 
_pdbx_nmr_ensemble.maximum_upper_distance_constraint_violation   ? 
_pdbx_nmr_ensemble.torsion_angle_constraint_violation_method     ? 
# 
_pdbx_nmr_representative.conformer_id         1 
_pdbx_nmr_representative.entry_id             2MUF 
_pdbx_nmr_representative.selection_criteria   'lowest energy' 
# 
_pdbx_nmr_sample_details.contents         '8 mM protein, trifluoroethanol/water' 
_pdbx_nmr_sample_details.solution_id      1 
_pdbx_nmr_sample_details.solvent_system   trifluoroethanol/water 
# 
_pdbx_nmr_exptl_sample.component             entity-1 
_pdbx_nmr_exptl_sample.concentration         8 
_pdbx_nmr_exptl_sample.concentration_range   ? 
_pdbx_nmr_exptl_sample.concentration_units   mM 
_pdbx_nmr_exptl_sample.isotopic_labeling     ? 
_pdbx_nmr_exptl_sample.solution_id           1 
# 
_pdbx_nmr_exptl_sample_conditions.conditions_id       1 
_pdbx_nmr_exptl_sample_conditions.ionic_strength      ? 
_pdbx_nmr_exptl_sample_conditions.pH                  3.7 
_pdbx_nmr_exptl_sample_conditions.pressure            ambient 
_pdbx_nmr_exptl_sample_conditions.pressure_units      ? 
_pdbx_nmr_exptl_sample_conditions.temperature         295 
_pdbx_nmr_exptl_sample_conditions.temperature_units   K 
# 
loop_
_pdbx_nmr_exptl.conditions_id 
_pdbx_nmr_exptl.experiment_id 
_pdbx_nmr_exptl.solution_id 
_pdbx_nmr_exptl.type 
1 1 1 '2D DQF-COSY'    
1 2 1 '2D 1H-1H TOCSY' 
1 3 1 '2D 1H-1H NOESY' 
# 
_pdbx_nmr_refine.entry_id           2MUF 
_pdbx_nmr_refine.method             'distance geometry, simulated annealing' 
_pdbx_nmr_refine.details            ? 
_pdbx_nmr_refine.software_ordinal   1 
# 
loop_
_pdbx_nmr_software.authors 
_pdbx_nmr_software.classification 
_pdbx_nmr_software.name 
_pdbx_nmr_software.version 
_pdbx_nmr_software.ordinal 
'Accelrys Software Inc.' 'geometry optimization' 'Insight II' ? 1 
'Accelrys Software Inc.' refinement              'Insight II' ? 2 
# 
loop_
_chem_comp_atom.comp_id 
_chem_comp_atom.atom_id 
_chem_comp_atom.type_symbol 
_chem_comp_atom.pdbx_aromatic_flag 
_chem_comp_atom.pdbx_stereo_config 
_chem_comp_atom.pdbx_ordinal 
ALA N    N N N 1   
ALA CA   C N S 2   
ALA C    C N N 3   
ALA O    O N N 4   
ALA CB   C N N 5   
ALA OXT  O N N 6   
ALA H    H N N 7   
ALA H2   H N N 8   
ALA HA   H N N 9   
ALA HB1  H N N 10  
ALA HB2  H N N 11  
ALA HB3  H N N 12  
ALA HXT  H N N 13  
ARG N    N N N 14  
ARG CA   C N S 15  
ARG C    C N N 16  
ARG O    O N N 17  
ARG CB   C N N 18  
ARG CG   C N N 19  
ARG CD   C N N 20  
ARG NE   N N N 21  
ARG CZ   C N N 22  
ARG NH1  N N N 23  
ARG NH2  N N N 24  
ARG OXT  O N N 25  
ARG H    H N N 26  
ARG H2   H N N 27  
ARG HA   H N N 28  
ARG HB2  H N N 29  
ARG HB3  H N N 30  
ARG HG2  H N N 31  
ARG HG3  H N N 32  
ARG HD2  H N N 33  
ARG HD3  H N N 34  
ARG HE   H N N 35  
ARG HH11 H N N 36  
ARG HH12 H N N 37  
ARG HH21 H N N 38  
ARG HH22 H N N 39  
ARG HXT  H N N 40  
ASN N    N N N 41  
ASN CA   C N S 42  
ASN C    C N N 43  
ASN O    O N N 44  
ASN CB   C N N 45  
ASN CG   C N N 46  
ASN OD1  O N N 47  
ASN ND2  N N N 48  
ASN OXT  O N N 49  
ASN H    H N N 50  
ASN H2   H N N 51  
ASN HA   H N N 52  
ASN HB2  H N N 53  
ASN HB3  H N N 54  
ASN HD21 H N N 55  
ASN HD22 H N N 56  
ASN HXT  H N N 57  
ASP N    N N N 58  
ASP CA   C N S 59  
ASP C    C N N 60  
ASP O    O N N 61  
ASP CB   C N N 62  
ASP CG   C N N 63  
ASP OD1  O N N 64  
ASP OD2  O N N 65  
ASP OXT  O N N 66  
ASP H    H N N 67  
ASP H2   H N N 68  
ASP HA   H N N 69  
ASP HB2  H N N 70  
ASP HB3  H N N 71  
ASP HD2  H N N 72  
ASP HXT  H N N 73  
GLU N    N N N 74  
GLU CA   C N S 75  
GLU C    C N N 76  
GLU O    O N N 77  
GLU CB   C N N 78  
GLU CG   C N N 79  
GLU CD   C N N 80  
GLU OE1  O N N 81  
GLU OE2  O N N 82  
GLU OXT  O N N 83  
GLU H    H N N 84  
GLU H2   H N N 85  
GLU HA   H N N 86  
GLU HB2  H N N 87  
GLU HB3  H N N 88  
GLU HG2  H N N 89  
GLU HG3  H N N 90  
GLU HE2  H N N 91  
GLU HXT  H N N 92  
HIS N    N N N 93  
HIS CA   C N S 94  
HIS C    C N N 95  
HIS O    O N N 96  
HIS CB   C N N 97  
HIS CG   C Y N 98  
HIS ND1  N Y N 99  
HIS CD2  C Y N 100 
HIS CE1  C Y N 101 
HIS NE2  N Y N 102 
HIS OXT  O N N 103 
HIS H    H N N 104 
HIS H2   H N N 105 
HIS HA   H N N 106 
HIS HB2  H N N 107 
HIS HB3  H N N 108 
HIS HD1  H N N 109 
HIS HD2  H N N 110 
HIS HE1  H N N 111 
HIS HE2  H N N 112 
HIS HXT  H N N 113 
ILE N    N N N 114 
ILE CA   C N S 115 
ILE C    C N N 116 
ILE O    O N N 117 
ILE CB   C N S 118 
ILE CG1  C N N 119 
ILE CG2  C N N 120 
ILE CD1  C N N 121 
ILE OXT  O N N 122 
ILE H    H N N 123 
ILE H2   H N N 124 
ILE HA   H N N 125 
ILE HB   H N N 126 
ILE HG12 H N N 127 
ILE HG13 H N N 128 
ILE HG21 H N N 129 
ILE HG22 H N N 130 
ILE HG23 H N N 131 
ILE HD11 H N N 132 
ILE HD12 H N N 133 
ILE HD13 H N N 134 
ILE HXT  H N N 135 
LEU N    N N N 136 
LEU CA   C N S 137 
LEU C    C N N 138 
LEU O    O N N 139 
LEU CB   C N N 140 
LEU CG   C N N 141 
LEU CD1  C N N 142 
LEU CD2  C N N 143 
LEU OXT  O N N 144 
LEU H    H N N 145 
LEU H2   H N N 146 
LEU HA   H N N 147 
LEU HB2  H N N 148 
LEU HB3  H N N 149 
LEU HG   H N N 150 
LEU HD11 H N N 151 
LEU HD12 H N N 152 
LEU HD13 H N N 153 
LEU HD21 H N N 154 
LEU HD22 H N N 155 
LEU HD23 H N N 156 
LEU HXT  H N N 157 
LYS N    N N N 158 
LYS CA   C N S 159 
LYS C    C N N 160 
LYS O    O N N 161 
LYS CB   C N N 162 
LYS CG   C N N 163 
LYS CD   C N N 164 
LYS CE   C N N 165 
LYS NZ   N N N 166 
LYS OXT  O N N 167 
LYS H    H N N 168 
LYS H2   H N N 169 
LYS HA   H N N 170 
LYS HB2  H N N 171 
LYS HB3  H N N 172 
LYS HG2  H N N 173 
LYS HG3  H N N 174 
LYS HD2  H N N 175 
LYS HD3  H N N 176 
LYS HE2  H N N 177 
LYS HE3  H N N 178 
LYS HZ1  H N N 179 
LYS HZ2  H N N 180 
LYS HZ3  H N N 181 
LYS HXT  H N N 182 
PHE N    N N N 183 
PHE CA   C N S 184 
PHE C    C N N 185 
PHE O    O N N 186 
PHE CB   C N N 187 
PHE CG   C Y N 188 
PHE CD1  C Y N 189 
PHE CD2  C Y N 190 
PHE CE1  C Y N 191 
PHE CE2  C Y N 192 
PHE CZ   C Y N 193 
PHE OXT  O N N 194 
PHE H    H N N 195 
PHE H2   H N N 196 
PHE HA   H N N 197 
PHE HB2  H N N 198 
PHE HB3  H N N 199 
PHE HD1  H N N 200 
PHE HD2  H N N 201 
PHE HE1  H N N 202 
PHE HE2  H N N 203 
PHE HZ   H N N 204 
PHE HXT  H N N 205 
SER N    N N N 206 
SER CA   C N S 207 
SER C    C N N 208 
SER O    O N N 209 
SER CB   C N N 210 
SER OG   O N N 211 
SER OXT  O N N 212 
SER H    H N N 213 
SER H2   H N N 214 
SER HA   H N N 215 
SER HB2  H N N 216 
SER HB3  H N N 217 
SER HG   H N N 218 
SER HXT  H N N 219 
TYR N    N N N 220 
TYR CA   C N S 221 
TYR C    C N N 222 
TYR O    O N N 223 
TYR CB   C N N 224 
TYR CG   C Y N 225 
TYR CD1  C Y N 226 
TYR CD2  C Y N 227 
TYR CE1  C Y N 228 
TYR CE2  C Y N 229 
TYR CZ   C Y N 230 
TYR OH   O N N 231 
TYR OXT  O N N 232 
TYR H    H N N 233 
TYR H2   H N N 234 
TYR HA   H N N 235 
TYR HB2  H N N 236 
TYR HB3  H N N 237 
TYR HD1  H N N 238 
TYR HD2  H N N 239 
TYR HE1  H N N 240 
TYR HE2  H N N 241 
TYR HH   H N N 242 
TYR HXT  H N N 243 
VAL N    N N N 244 
VAL CA   C N S 245 
VAL C    C N N 246 
VAL O    O N N 247 
VAL CB   C N N 248 
VAL CG1  C N N 249 
VAL CG2  C N N 250 
VAL OXT  O N N 251 
VAL H    H N N 252 
VAL H2   H N N 253 
VAL HA   H N N 254 
VAL HB   H N N 255 
VAL HG11 H N N 256 
VAL HG12 H N N 257 
VAL HG13 H N N 258 
VAL HG21 H N N 259 
VAL HG22 H N N 260 
VAL HG23 H N N 261 
VAL HXT  H N N 262 
# 
loop_
_chem_comp_bond.comp_id 
_chem_comp_bond.atom_id_1 
_chem_comp_bond.atom_id_2 
_chem_comp_bond.value_order 
_chem_comp_bond.pdbx_aromatic_flag 
_chem_comp_bond.pdbx_stereo_config 
_chem_comp_bond.pdbx_ordinal 
ALA N   CA   sing N N 1   
ALA N   H    sing N N 2   
ALA N   H2   sing N N 3   
ALA CA  C    sing N N 4   
ALA CA  CB   sing N N 5   
ALA CA  HA   sing N N 6   
ALA C   O    doub N N 7   
ALA C   OXT  sing N N 8   
ALA CB  HB1  sing N N 9   
ALA CB  HB2  sing N N 10  
ALA CB  HB3  sing N N 11  
ALA OXT HXT  sing N N 12  
ARG N   CA   sing N N 13  
ARG N   H    sing N N 14  
ARG N   H2   sing N N 15  
ARG CA  C    sing N N 16  
ARG CA  CB   sing N N 17  
ARG CA  HA   sing N N 18  
ARG C   O    doub N N 19  
ARG C   OXT  sing N N 20  
ARG CB  CG   sing N N 21  
ARG CB  HB2  sing N N 22  
ARG CB  HB3  sing N N 23  
ARG CG  CD   sing N N 24  
ARG CG  HG2  sing N N 25  
ARG CG  HG3  sing N N 26  
ARG CD  NE   sing N N 27  
ARG CD  HD2  sing N N 28  
ARG CD  HD3  sing N N 29  
ARG NE  CZ   sing N N 30  
ARG NE  HE   sing N N 31  
ARG CZ  NH1  sing N N 32  
ARG CZ  NH2  doub N N 33  
ARG NH1 HH11 sing N N 34  
ARG NH1 HH12 sing N N 35  
ARG NH2 HH21 sing N N 36  
ARG NH2 HH22 sing N N 37  
ARG OXT HXT  sing N N 38  
ASN N   CA   sing N N 39  
ASN N   H    sing N N 40  
ASN N   H2   sing N N 41  
ASN CA  C    sing N N 42  
ASN CA  CB   sing N N 43  
ASN CA  HA   sing N N 44  
ASN C   O    doub N N 45  
ASN C   OXT  sing N N 46  
ASN CB  CG   sing N N 47  
ASN CB  HB2  sing N N 48  
ASN CB  HB3  sing N N 49  
ASN CG  OD1  doub N N 50  
ASN CG  ND2  sing N N 51  
ASN ND2 HD21 sing N N 52  
ASN ND2 HD22 sing N N 53  
ASN OXT HXT  sing N N 54  
ASP N   CA   sing N N 55  
ASP N   H    sing N N 56  
ASP N   H2   sing N N 57  
ASP CA  C    sing N N 58  
ASP CA  CB   sing N N 59  
ASP CA  HA   sing N N 60  
ASP C   O    doub N N 61  
ASP C   OXT  sing N N 62  
ASP CB  CG   sing N N 63  
ASP CB  HB2  sing N N 64  
ASP CB  HB3  sing N N 65  
ASP CG  OD1  doub N N 66  
ASP CG  OD2  sing N N 67  
ASP OD2 HD2  sing N N 68  
ASP OXT HXT  sing N N 69  
GLU N   CA   sing N N 70  
GLU N   H    sing N N 71  
GLU N   H2   sing N N 72  
GLU CA  C    sing N N 73  
GLU CA  CB   sing N N 74  
GLU CA  HA   sing N N 75  
GLU C   O    doub N N 76  
GLU C   OXT  sing N N 77  
GLU CB  CG   sing N N 78  
GLU CB  HB2  sing N N 79  
GLU CB  HB3  sing N N 80  
GLU CG  CD   sing N N 81  
GLU CG  HG2  sing N N 82  
GLU CG  HG3  sing N N 83  
GLU CD  OE1  doub N N 84  
GLU CD  OE2  sing N N 85  
GLU OE2 HE2  sing N N 86  
GLU OXT HXT  sing N N 87  
HIS N   CA   sing N N 88  
HIS N   H    sing N N 89  
HIS N   H2   sing N N 90  
HIS CA  C    sing N N 91  
HIS CA  CB   sing N N 92  
HIS CA  HA   sing N N 93  
HIS C   O    doub N N 94  
HIS C   OXT  sing N N 95  
HIS CB  CG   sing N N 96  
HIS CB  HB2  sing N N 97  
HIS CB  HB3  sing N N 98  
HIS CG  ND1  sing Y N 99  
HIS CG  CD2  doub Y N 100 
HIS ND1 CE1  doub Y N 101 
HIS ND1 HD1  sing N N 102 
HIS CD2 NE2  sing Y N 103 
HIS CD2 HD2  sing N N 104 
HIS CE1 NE2  sing Y N 105 
HIS CE1 HE1  sing N N 106 
HIS NE2 HE2  sing N N 107 
HIS OXT HXT  sing N N 108 
ILE N   CA   sing N N 109 
ILE N   H    sing N N 110 
ILE N   H2   sing N N 111 
ILE CA  C    sing N N 112 
ILE CA  CB   sing N N 113 
ILE CA  HA   sing N N 114 
ILE C   O    doub N N 115 
ILE C   OXT  sing N N 116 
ILE CB  CG1  sing N N 117 
ILE CB  CG2  sing N N 118 
ILE CB  HB   sing N N 119 
ILE CG1 CD1  sing N N 120 
ILE CG1 HG12 sing N N 121 
ILE CG1 HG13 sing N N 122 
ILE CG2 HG21 sing N N 123 
ILE CG2 HG22 sing N N 124 
ILE CG2 HG23 sing N N 125 
ILE CD1 HD11 sing N N 126 
ILE CD1 HD12 sing N N 127 
ILE CD1 HD13 sing N N 128 
ILE OXT HXT  sing N N 129 
LEU N   CA   sing N N 130 
LEU N   H    sing N N 131 
LEU N   H2   sing N N 132 
LEU CA  C    sing N N 133 
LEU CA  CB   sing N N 134 
LEU CA  HA   sing N N 135 
LEU C   O    doub N N 136 
LEU C   OXT  sing N N 137 
LEU CB  CG   sing N N 138 
LEU CB  HB2  sing N N 139 
LEU CB  HB3  sing N N 140 
LEU CG  CD1  sing N N 141 
LEU CG  CD2  sing N N 142 
LEU CG  HG   sing N N 143 
LEU CD1 HD11 sing N N 144 
LEU CD1 HD12 sing N N 145 
LEU CD1 HD13 sing N N 146 
LEU CD2 HD21 sing N N 147 
LEU CD2 HD22 sing N N 148 
LEU CD2 HD23 sing N N 149 
LEU OXT HXT  sing N N 150 
LYS N   CA   sing N N 151 
LYS N   H    sing N N 152 
LYS N   H2   sing N N 153 
LYS CA  C    sing N N 154 
LYS CA  CB   sing N N 155 
LYS CA  HA   sing N N 156 
LYS C   O    doub N N 157 
LYS C   OXT  sing N N 158 
LYS CB  CG   sing N N 159 
LYS CB  HB2  sing N N 160 
LYS CB  HB3  sing N N 161 
LYS CG  CD   sing N N 162 
LYS CG  HG2  sing N N 163 
LYS CG  HG3  sing N N 164 
LYS CD  CE   sing N N 165 
LYS CD  HD2  sing N N 166 
LYS CD  HD3  sing N N 167 
LYS CE  NZ   sing N N 168 
LYS CE  HE2  sing N N 169 
LYS CE  HE3  sing N N 170 
LYS NZ  HZ1  sing N N 171 
LYS NZ  HZ2  sing N N 172 
LYS NZ  HZ3  sing N N 173 
LYS OXT HXT  sing N N 174 
PHE N   CA   sing N N 175 
PHE N   H    sing N N 176 
PHE N   H2   sing N N 177 
PHE CA  C    sing N N 178 
PHE CA  CB   sing N N 179 
PHE CA  HA   sing N N 180 
PHE C   O    doub N N 181 
PHE C   OXT  sing N N 182 
PHE CB  CG   sing N N 183 
PHE CB  HB2  sing N N 184 
PHE CB  HB3  sing N N 185 
PHE CG  CD1  doub Y N 186 
PHE CG  CD2  sing Y N 187 
PHE CD1 CE1  sing Y N 188 
PHE CD1 HD1  sing N N 189 
PHE CD2 CE2  doub Y N 190 
PHE CD2 HD2  sing N N 191 
PHE CE1 CZ   doub Y N 192 
PHE CE1 HE1  sing N N 193 
PHE CE2 CZ   sing Y N 194 
PHE CE2 HE2  sing N N 195 
PHE CZ  HZ   sing N N 196 
PHE OXT HXT  sing N N 197 
SER N   CA   sing N N 198 
SER N   H    sing N N 199 
SER N   H2   sing N N 200 
SER CA  C    sing N N 201 
SER CA  CB   sing N N 202 
SER CA  HA   sing N N 203 
SER C   O    doub N N 204 
SER C   OXT  sing N N 205 
SER CB  OG   sing N N 206 
SER CB  HB2  sing N N 207 
SER CB  HB3  sing N N 208 
SER OG  HG   sing N N 209 
SER OXT HXT  sing N N 210 
TYR N   CA   sing N N 211 
TYR N   H    sing N N 212 
TYR N   H2   sing N N 213 
TYR CA  C    sing N N 214 
TYR CA  CB   sing N N 215 
TYR CA  HA   sing N N 216 
TYR C   O    doub N N 217 
TYR C   OXT  sing N N 218 
TYR CB  CG   sing N N 219 
TYR CB  HB2  sing N N 220 
TYR CB  HB3  sing N N 221 
TYR CG  CD1  doub Y N 222 
TYR CG  CD2  sing Y N 223 
TYR CD1 CE1  sing Y N 224 
TYR CD1 HD1  sing N N 225 
TYR CD2 CE2  doub Y N 226 
TYR CD2 HD2  sing N N 227 
TYR CE1 CZ   doub Y N 228 
TYR CE1 HE1  sing N N 229 
TYR CE2 CZ   sing Y N 230 
TYR CE2 HE2  sing N N 231 
TYR CZ  OH   sing N N 232 
TYR OH  HH   sing N N 233 
TYR OXT HXT  sing N N 234 
VAL N   CA   sing N N 235 
VAL N   H    sing N N 236 
VAL N   H2   sing N N 237 
VAL CA  C    sing N N 238 
VAL CA  CB   sing N N 239 
VAL CA  HA   sing N N 240 
VAL C   O    doub N N 241 
VAL C   OXT  sing N N 242 
VAL CB  CG1  sing N N 243 
VAL CB  CG2  sing N N 244 
VAL CB  HB   sing N N 245 
VAL CG1 HG11 sing N N 246 
VAL CG1 HG12 sing N N 247 
VAL CG1 HG13 sing N N 248 
VAL CG2 HG21 sing N N 249 
VAL CG2 HG22 sing N N 250 
VAL CG2 HG23 sing N N 251 
VAL OXT HXT  sing N N 252 
# 
_pdbx_nmr_spectrometer.field_strength    600 
_pdbx_nmr_spectrometer.manufacturer      Bruker 
_pdbx_nmr_spectrometer.model             DRX 
_pdbx_nmr_spectrometer.spectrometer_id   1 
_pdbx_nmr_spectrometer.type              'Bruker DRX' 
# 
_atom_sites.entry_id                    2MUF 
_atom_sites.fract_transf_matrix[1][1]   1.000000 
_atom_sites.fract_transf_matrix[1][2]   0.000000 
_atom_sites.fract_transf_matrix[1][3]   0.000000 
_atom_sites.fract_transf_matrix[2][1]   0.000000 
_atom_sites.fract_transf_matrix[2][2]   1.000000 
_atom_sites.fract_transf_matrix[2][3]   0.000000 
_atom_sites.fract_transf_matrix[3][1]   0.000000 
_atom_sites.fract_transf_matrix[3][2]   0.000000 
_atom_sites.fract_transf_matrix[3][3]   1.000000 
_atom_sites.fract_transf_vector[1]      0.00000 
_atom_sites.fract_transf_vector[2]      0.00000 
_atom_sites.fract_transf_vector[3]      0.00000 
# 
loop_
_atom_type.symbol 
C 
H 
N 
O 
# 
loop_
_atom_site.group_PDB 
_atom_site.id 
_atom_site.type_symbol 
_atom_site.label_atom_id 
_atom_site.label_alt_id 
_atom_site.label_comp_id 
_atom_site.label_asym_id 
_atom_site.label_entity_id 
_atom_site.label_seq_id 
_atom_site.pdbx_PDB_ins_code 
_atom_site.Cartn_x 
_atom_site.Cartn_y 
_atom_site.Cartn_z 
_atom_site.occupancy 
_atom_site.B_iso_or_equiv 
_atom_site.pdbx_formal_charge 
_atom_site.auth_seq_id 
_atom_site.auth_comp_id 
_atom_site.auth_asym_id 
_atom_site.auth_atom_id 
_atom_site.pdbx_PDB_model_num 
ATOM 1   N N    . SER A 1 1  ? -6.620  13.686  7.567  1.00 0.00 ? 1  SER A N    1 
ATOM 2   C CA   . SER A 1 1  ? -6.503  12.315  8.122  1.00 0.00 ? 1  SER A CA   1 
ATOM 3   C C    . SER A 1 1  ? -6.627  11.316  6.936  1.00 0.00 ? 1  SER A C    1 
ATOM 4   O O    . SER A 1 1  ? -7.683  10.715  6.707  1.00 0.00 ? 1  SER A O    1 
ATOM 5   C CB   . SER A 1 1  ? -7.536  12.034  9.245  1.00 0.00 ? 1  SER A CB   1 
ATOM 6   O OG   . SER A 1 1  ? -7.285  12.822  10.401 1.00 0.00 ? 1  SER A OG   1 
ATOM 7   H H1   . SER A 1 1  ? -6.837  13.796  6.575  1.00 0.00 ? 1  SER A H1   1 
ATOM 8   H HA   . SER A 1 1  ? -5.494  12.199  8.557  1.00 0.00 ? 1  SER A HA   1 
ATOM 9   H HB2  . SER A 1 1  ? -8.569  12.216  8.893  1.00 0.00 ? 1  SER A HB2  1 
ATOM 10  H HB3  . SER A 1 1  ? -7.500  10.968  9.540  1.00 0.00 ? 1  SER A HB3  1 
ATOM 11  H HG   . SER A 1 1  ? -7.958  12.578  11.040 1.00 0.00 ? 1  SER A HG   1 
ATOM 12  N N    . ASP A 1 2  ? -5.522  11.154  6.180  1.00 0.00 ? 2  ASP A N    1 
ATOM 13  C CA   . ASP A 1 2  ? -5.433  10.251  5.007  1.00 0.00 ? 2  ASP A CA   1 
ATOM 14  C C    . ASP A 1 2  ? -4.157  9.341   5.028  1.00 0.00 ? 2  ASP A C    1 
ATOM 15  O O    . ASP A 1 2  ? -3.504  9.134   4.000  1.00 0.00 ? 2  ASP A O    1 
ATOM 16  C CB   . ASP A 1 2  ? -5.599  11.130  3.746  1.00 0.00 ? 2  ASP A CB   1 
ATOM 17  C CG   . ASP A 1 2  ? -6.017  10.395  2.466  1.00 0.00 ? 2  ASP A CG   1 
ATOM 18  O OD1  . ASP A 1 2  ? -5.217  9.956   1.640  1.00 0.00 ? 2  ASP A OD1  1 
ATOM 19  O OD2  . ASP A 1 2  ? -7.381  10.293  2.352  1.00 0.00 ? 2  ASP A OD2  1 
ATOM 20  H H    . ASP A 1 2  ? -4.786  11.830  6.339  1.00 0.00 ? 2  ASP A H    1 
ATOM 21  H HA   . ASP A 1 2  ? -6.287  9.592   5.031  1.00 0.00 ? 2  ASP A HA   1 
ATOM 22  H HB2  . ASP A 1 2  ? -6.318  11.952  3.925  1.00 0.00 ? 2  ASP A HB2  1 
ATOM 23  H HB3  . ASP A 1 2  ? -4.642  11.629  3.578  1.00 0.00 ? 2  ASP A HB3  1 
ATOM 24  H HD2  . ASP A 1 2  ? -7.641  9.835   1.550  1.00 0.00 ? 2  ASP A HD2  1 
ATOM 25  N N    . VAL A 1 3  ? -3.848  8.738   6.193  1.00 0.00 ? 3  VAL A N    1 
ATOM 26  C CA   . VAL A 1 3  ? -2.678  7.847   6.398  1.00 0.00 ? 3  VAL A CA   1 
ATOM 27  C C    . VAL A 1 3  ? -2.767  6.444   5.715  1.00 0.00 ? 3  VAL A C    1 
ATOM 28  O O    . VAL A 1 3  ? -1.795  6.017   5.089  1.00 0.00 ? 3  VAL A O    1 
ATOM 29  C CB   . VAL A 1 3  ? -2.288  7.793   7.911  1.00 0.00 ? 3  VAL A CB   1 
ATOM 30  C CG1  . VAL A 1 3  ? -1.731  9.134   8.448  1.00 0.00 ? 3  VAL A CG1  1 
ATOM 31  C CG2  . VAL A 1 3  ? -3.385  7.272   8.865  1.00 0.00 ? 3  VAL A CG2  1 
ATOM 32  H H    . VAL A 1 3  ? -4.334  9.100   7.015  1.00 0.00 ? 3  VAL A H    1 
ATOM 33  H HA   . VAL A 1 3  ? -1.831  8.344   5.912  1.00 0.00 ? 3  VAL A HA   1 
ATOM 34  H HB   . VAL A 1 3  ? -1.459  7.081   7.981  1.00 0.00 ? 3  VAL A HB   1 
ATOM 35  H HG11 . VAL A 1 3  ? -2.497  9.932   8.456  1.00 0.00 ? 3  VAL A HG11 1 
ATOM 36  H HG12 . VAL A 1 3  ? -1.349  9.036   9.482  1.00 0.00 ? 3  VAL A HG12 1 
ATOM 37  H HG13 . VAL A 1 3  ? -0.886  9.498   7.834  1.00 0.00 ? 3  VAL A HG13 1 
ATOM 38  H HG21 . VAL A 1 3  ? -4.270  7.935   8.870  1.00 0.00 ? 3  VAL A HG21 1 
ATOM 39  H HG22 . VAL A 1 3  ? -3.726  6.264   8.572  1.00 0.00 ? 3  VAL A HG22 1 
ATOM 40  H HG23 . VAL A 1 3  ? -3.015  7.197   9.903  1.00 0.00 ? 3  VAL A HG23 1 
ATOM 41  N N    . ARG A 1 4  ? -3.906  5.745   5.843  1.00 0.00 ? 4  ARG A N    1 
ATOM 42  C CA   . ARG A 1 4  ? -4.153  4.423   5.217  1.00 0.00 ? 4  ARG A CA   1 
ATOM 43  C C    . ARG A 1 4  ? -4.753  4.467   3.770  1.00 0.00 ? 4  ARG A C    1 
ATOM 44  O O    . ARG A 1 4  ? -4.458  3.571   2.976  1.00 0.00 ? 4  ARG A O    1 
ATOM 45  C CB   . ARG A 1 4  ? -4.979  3.576   6.210  1.00 0.00 ? 4  ARG A CB   1 
ATOM 46  C CG   . ARG A 1 4  ? -5.278  2.103   5.842  1.00 0.00 ? 4  ARG A CG   1 
ATOM 47  C CD   . ARG A 1 4  ? -4.061  1.179   5.611  1.00 0.00 ? 4  ARG A CD   1 
ATOM 48  N NE   . ARG A 1 4  ? -3.230  0.990   6.827  1.00 0.00 ? 4  ARG A NE   1 
ATOM 49  C CZ   . ARG A 1 4  ? -2.066  0.315   6.858  1.00 0.00 ? 4  ARG A CZ   1 
ATOM 50  N NH1  . ARG A 1 4  ? -1.521  -0.280  5.798  1.00 0.00 ? 4  ARG A NH1  1 
ATOM 51  N NH2  . ARG A 1 4  ? -1.424  0.236   8.010  1.00 0.00 ? 4  ARG A NH2  1 
ATOM 52  H H    . ARG A 1 4  ? -4.627  6.201   6.394  1.00 0.00 ? 4  ARG A H    1 
ATOM 53  H HA   . ARG A 1 4  ? -3.201  3.914   5.174  1.00 0.00 ? 4  ARG A HA   1 
ATOM 54  H HB2  . ARG A 1 4  ? -4.490  3.568   7.204  1.00 0.00 ? 4  ARG A HB2  1 
ATOM 55  H HB3  . ARG A 1 4  ? -5.930  4.097   6.357  1.00 0.00 ? 4  ARG A HB3  1 
ATOM 56  H HG2  . ARG A 1 4  ? -5.921  1.673   6.632  1.00 0.00 ? 4  ARG A HG2  1 
ATOM 57  H HG3  . ARG A 1 4  ? -5.904  2.093   4.932  1.00 0.00 ? 4  ARG A HG3  1 
ATOM 58  H HD2  . ARG A 1 4  ? -4.422  0.194   5.261  1.00 0.00 ? 4  ARG A HD2  1 
ATOM 59  H HD3  . ARG A 1 4  ? -3.447  1.581   4.787  1.00 0.00 ? 4  ARG A HD3  1 
ATOM 60  H HH11 . ARG A 1 4  ? -2.037  -0.205  4.914  1.00 0.00 ? 4  ARG A HH11 1 
ATOM 61  H HH12 . ARG A 1 4  ? -0.630  -0.764  5.950  1.00 0.00 ? 4  ARG A HH12 1 
ATOM 62  H HH21 . ARG A 1 4  ? -1.862  0.701   8.812  1.00 0.00 ? 4  ARG A HH21 1 
ATOM 63  H HH22 . ARG A 1 4  ? -0.539  -0.284  8.008  1.00 0.00 ? 4  ARG A HH22 1 
ATOM 64  N N    . TYR A 1 5  ? -5.582  5.478   3.443  1.00 0.00 ? 5  TYR A N    1 
ATOM 65  C CA   . TYR A 1 5  ? -6.231  5.654   2.115  1.00 0.00 ? 5  TYR A CA   1 
ATOM 66  C C    . TYR A 1 5  ? -5.302  5.844   0.878  1.00 0.00 ? 5  TYR A C    1 
ATOM 67  O O    . TYR A 1 5  ? -5.623  5.334   -0.199 1.00 0.00 ? 5  TYR A O    1 
ATOM 68  C CB   . TYR A 1 5  ? -7.248  6.812   2.229  1.00 0.00 ? 5  TYR A CB   1 
ATOM 69  C CG   . TYR A 1 5  ? -8.476  6.733   1.304  1.00 0.00 ? 5  TYR A CG   1 
ATOM 70  C CD1  . TYR A 1 5  ? -9.602  5.998   1.688  1.00 0.00 ? 5  TYR A CD1  1 
ATOM 71  C CD2  . TYR A 1 5  ? -8.478  7.400   0.074  1.00 0.00 ? 5  TYR A CD2  1 
ATOM 72  C CE1  . TYR A 1 5  ? -10.715 5.929   0.852  1.00 0.00 ? 5  TYR A CE1  1 
ATOM 73  C CE2  . TYR A 1 5  ? -9.590  7.329   -0.762 1.00 0.00 ? 5  TYR A CE2  1 
ATOM 74  C CZ   . TYR A 1 5  ? -10.708 6.594   -0.373 1.00 0.00 ? 5  TYR A CZ   1 
ATOM 75  O OH   . TYR A 1 5  ? -11.804 6.525   -1.197 1.00 0.00 ? 5  TYR A OH   1 
ATOM 76  H H    . TYR A 1 5  ? -5.718  6.176   4.175  1.00 0.00 ? 5  TYR A H    1 
ATOM 77  H HA   . TYR A 1 5  ? -6.831  4.758   1.953  1.00 0.00 ? 5  TYR A HA   1 
ATOM 78  H HB2  . TYR A 1 5  ? -7.567  6.945   3.273  1.00 0.00 ? 5  TYR A HB2  1 
ATOM 79  H HB3  . TYR A 1 5  ? -6.718  7.743   2.040  1.00 0.00 ? 5  TYR A HB3  1 
ATOM 80  H HD1  . TYR A 1 5  ? -9.620  5.477   2.635  1.00 0.00 ? 5  TYR A HD1  1 
ATOM 81  H HD2  . TYR A 1 5  ? -7.617  7.974   -0.242 1.00 0.00 ? 5  TYR A HD2  1 
ATOM 82  H HE1  . TYR A 1 5  ? -11.580 5.358   1.155  1.00 0.00 ? 5  TYR A HE1  1 
ATOM 83  H HE2  . TYR A 1 5  ? -9.582  7.845   -1.712 1.00 0.00 ? 5  TYR A HE2  1 
ATOM 84  H HH   . TYR A 1 5  ? -11.631 7.035   -1.991 1.00 0.00 ? 5  TYR A HH   1 
ATOM 85  N N    . ASN A 1 6  ? -4.196  6.593   1.037  1.00 0.00 ? 6  ASN A N    1 
ATOM 86  C CA   . ASN A 1 6  ? -3.199  6.818   -0.058 1.00 0.00 ? 6  ASN A CA   1 
ATOM 87  C C    . ASN A 1 6  ? -1.729  6.721   0.400  1.00 0.00 ? 6  ASN A C    1 
ATOM 88  O O    . ASN A 1 6  ? -0.932  6.084   -0.299 1.00 0.00 ? 6  ASN A O    1 
ATOM 89  C CB   . ASN A 1 6  ? -3.490  8.132   -0.847 1.00 0.00 ? 6  ASN A CB   1 
ATOM 90  C CG   . ASN A 1 6  ? -3.460  7.989   -2.379 1.00 0.00 ? 6  ASN A CG   1 
ATOM 91  O OD1  . ASN A 1 6  ? -4.481  8.090   -3.058 1.00 0.00 ? 6  ASN A OD1  1 
ATOM 92  N ND2  . ASN A 1 6  ? -2.288  7.758   -2.945 1.00 0.00 ? 6  ASN A ND2  1 
ATOM 93  H H    . ASN A 1 6  ? -4.115  6.965   1.993  1.00 0.00 ? 6  ASN A H    1 
ATOM 94  H HA   . ASN A 1 6  ? -3.253  5.943   -0.731 1.00 0.00 ? 6  ASN A HA   1 
ATOM 95  H HB2  . ASN A 1 6  ? -4.479  8.533   -0.569 1.00 0.00 ? 6  ASN A HB2  1 
ATOM 96  H HB3  . ASN A 1 6  ? -2.799  8.941   -0.539 1.00 0.00 ? 6  ASN A HB3  1 
ATOM 97  H HD21 . ASN A 1 6  ? -1.530  7.574   -2.281 1.00 0.00 ? 6  ASN A HD21 1 
ATOM 98  H HD22 . ASN A 1 6  ? -2.276  7.628   -3.963 1.00 0.00 ? 6  ASN A HD22 1 
ATOM 99  N N    . LYS A 1 7  ? -1.352  7.344   1.535  1.00 0.00 ? 7  LYS A N    1 
ATOM 100 C CA   . LYS A 1 7  ? 0.029   7.259   2.085  1.00 0.00 ? 7  LYS A CA   1 
ATOM 101 C C    . LYS A 1 7  ? 0.506   5.796   2.410  1.00 0.00 ? 7  LYS A C    1 
ATOM 102 O O    . LYS A 1 7  ? 1.715   5.564   2.495  1.00 0.00 ? 7  LYS A O    1 
ATOM 103 C CB   . LYS A 1 7  ? 0.192   8.231   3.288  1.00 0.00 ? 7  LYS A CB   1 
ATOM 104 C CG   . LYS A 1 7  ? 0.477   9.711   2.927  1.00 0.00 ? 7  LYS A CG   1 
ATOM 105 C CD   . LYS A 1 7  ? -0.688  10.722  2.987  1.00 0.00 ? 7  LYS A CD   1 
ATOM 106 C CE   . LYS A 1 7  ? -1.610  10.750  1.752  1.00 0.00 ? 7  LYS A CE   1 
ATOM 107 N NZ   . LYS A 1 7  ? -2.483  11.936  1.751  1.00 0.00 ? 7  LYS A NZ   1 
ATOM 108 H H    . LYS A 1 7  ? -2.074  7.917   1.967  1.00 0.00 ? 7  LYS A H    1 
ATOM 109 H HA   . LYS A 1 7  ? 0.695   7.604   1.276  1.00 0.00 ? 7  LYS A HA   1 
ATOM 110 H HB2  . LYS A 1 7  ? -0.657  8.152   3.991  1.00 0.00 ? 7  LYS A HB2  1 
ATOM 111 H HB3  . LYS A 1 7  ? 1.060   7.892   3.888  1.00 0.00 ? 7  LYS A HB3  1 
ATOM 112 H HG2  . LYS A 1 7  ? 1.248   10.075  3.633  1.00 0.00 ? 7  LYS A HG2  1 
ATOM 113 H HG3  . LYS A 1 7  ? 0.965   9.770   1.938  1.00 0.00 ? 7  LYS A HG3  1 
ATOM 114 H HD2  . LYS A 1 7  ? -1.277  10.568  3.911  1.00 0.00 ? 7  LYS A HD2  1 
ATOM 115 H HD3  . LYS A 1 7  ? -0.233  11.724  3.105  1.00 0.00 ? 7  LYS A HD3  1 
ATOM 116 H HE2  . LYS A 1 7  ? -1.014  10.747  0.820  1.00 0.00 ? 7  LYS A HE2  1 
ATOM 117 H HE3  . LYS A 1 7  ? -2.244  9.849   1.721  1.00 0.00 ? 7  LYS A HE3  1 
ATOM 118 H HZ1  . LYS A 1 7  ? -3.048  11.957  2.607  1.00 0.00 ? 7  LYS A HZ1  1 
ATOM 119 H HZ2  . LYS A 1 7  ? -1.915  12.791  1.774  1.00 0.00 ? 7  LYS A HZ2  1 
ATOM 120 N N    . SER A 1 8  ? -0.434  4.844   2.608  1.00 0.00 ? 8  SER A N    1 
ATOM 121 C CA   . SER A 1 8  ? -0.119  3.413   2.856  1.00 0.00 ? 8  SER A CA   1 
ATOM 122 C C    . SER A 1 8  ? -1.212  2.447   2.291  1.00 0.00 ? 8  SER A C    1 
ATOM 123 O O    . SER A 1 8  ? -1.746  1.544   2.939  1.00 0.00 ? 8  SER A O    1 
ATOM 124 C CB   . SER A 1 8  ? 0.251   3.156   4.337  1.00 0.00 ? 8  SER A CB   1 
ATOM 125 O OG   . SER A 1 8  ? 0.758   1.838   4.513  1.00 0.00 ? 8  SER A OG   1 
ATOM 126 H H    . SER A 1 8  ? -1.351  5.138   2.240  1.00 0.00 ? 8  SER A H    1 
ATOM 127 H HA   . SER A 1 8  ? 0.751   3.189   2.193  1.00 0.00 ? 8  SER A HA   1 
ATOM 128 H HB2  . SER A 1 8  ? 1.019   3.874   4.683  1.00 0.00 ? 8  SER A HB2  1 
ATOM 129 H HB3  . SER A 1 8  ? -0.626  3.303   4.995  1.00 0.00 ? 8  SER A HB3  1 
ATOM 130 H HG   . SER A 1 8  ? 0.967   1.757   5.446  1.00 0.00 ? 8  SER A HG   1 
ATOM 131 N N    . PHE A 1 9  ? -1.454  2.680   1.002  1.00 0.00 ? 9  PHE A N    1 
ATOM 132 C CA   . PHE A 1 9  ? -2.356  1.966   0.086  1.00 0.00 ? 9  PHE A CA   1 
ATOM 133 C C    . PHE A 1 9  ? -1.433  1.562   -1.109 1.00 0.00 ? 9  PHE A C    1 
ATOM 134 O O    . PHE A 1 9  ? -1.410  0.396   -1.508 1.00 0.00 ? 9  PHE A O    1 
ATOM 135 C CB   . PHE A 1 9  ? -3.554  2.856   -0.326 1.00 0.00 ? 9  PHE A CB   1 
ATOM 136 C CG   . PHE A 1 9  ? -4.766  2.088   -0.869 1.00 0.00 ? 9  PHE A CG   1 
ATOM 137 C CD1  . PHE A 1 9  ? -4.837  1.740   -2.223 1.00 0.00 ? 9  PHE A CD1  1 
ATOM 138 C CD2  . PHE A 1 9  ? -5.826  1.754   -0.018 1.00 0.00 ? 9  PHE A CD2  1 
ATOM 139 C CE1  . PHE A 1 9  ? -5.953  1.068   -2.717 1.00 0.00 ? 9  PHE A CE1  1 
ATOM 140 C CE2  . PHE A 1 9  ? -6.942  1.084   -0.516 1.00 0.00 ? 9  PHE A CE2  1 
ATOM 141 C CZ   . PHE A 1 9  ? -7.005  0.744   -1.865 1.00 0.00 ? 9  PHE A CZ   1 
ATOM 142 H H    . PHE A 1 9  ? -1.047  3.543   0.652  1.00 0.00 ? 9  PHE A H    1 
ATOM 143 H HA   . PHE A 1 9  ? -2.700  1.067   0.601  1.00 0.00 ? 9  PHE A HA   1 
ATOM 144 H HB2  . PHE A 1 9  ? -3.859  3.461   0.541  1.00 0.00 ? 9  PHE A HB2  1 
ATOM 145 H HB3  . PHE A 1 9  ? -3.235  3.619   -1.063 1.00 0.00 ? 9  PHE A HB3  1 
ATOM 146 H HD1  . PHE A 1 9  ? -4.031  1.992   -2.897 1.00 0.00 ? 9  PHE A HD1  1 
ATOM 147 H HD2  . PHE A 1 9  ? -5.795  2.018   1.030  1.00 0.00 ? 9  PHE A HD2  1 
ATOM 148 H HE1  . PHE A 1 9  ? -6.004  0.801   -3.763 1.00 0.00 ? 9  PHE A HE1  1 
ATOM 149 H HE2  . PHE A 1 9  ? -7.759  0.829   0.144  1.00 0.00 ? 9  PHE A HE2  1 
ATOM 150 H HZ   . PHE A 1 9  ? -7.870  0.223   -2.250 1.00 0.00 ? 9  PHE A HZ   1 
ATOM 151 N N    . ILE A 1 10 ? -0.682  2.549   -1.664 1.00 0.00 ? 10 ILE A N    1 
ATOM 152 C CA   . ILE A 1 10 ? 0.295   2.375   -2.759 1.00 0.00 ? 10 ILE A CA   1 
ATOM 153 C C    . ILE A 1 10 ? 1.545   1.611   -2.222 1.00 0.00 ? 10 ILE A C    1 
ATOM 154 O O    . ILE A 1 10 ? 1.959   0.647   -2.867 1.00 0.00 ? 10 ILE A O    1 
ATOM 155 C CB   . ILE A 1 10 ? 0.561   3.736   -3.449 1.00 0.00 ? 10 ILE A CB   1 
ATOM 156 C CG1  . ILE A 1 10 ? -0.727  4.310   -4.111 1.00 0.00 ? 10 ILE A CG1  1 
ATOM 157 C CG2  . ILE A 1 10 ? 1.759   3.758   -4.432 1.00 0.00 ? 10 ILE A CG2  1 
ATOM 158 C CD1  . ILE A 1 10 ? -1.197  3.710   -5.449 1.00 0.00 ? 10 ILE A CD1  1 
ATOM 159 H H    . ILE A 1 10 ? -0.750  3.447   -1.168 1.00 0.00 ? 10 ILE A H    1 
ATOM 160 H HA   . ILE A 1 10 ? -0.194  1.785   -3.516 1.00 0.00 ? 10 ILE A HA   1 
ATOM 161 H HB   . ILE A 1 10 ? 0.833   4.412   -2.630 1.00 0.00 ? 10 ILE A HB   1 
ATOM 162 H HG12 . ILE A 1 10 ? -1.577  4.251   -3.409 1.00 0.00 ? 10 ILE A HG12 1 
ATOM 163 H HG13 . ILE A 1 10 ? -0.565  5.377   -4.219 1.00 0.00 ? 10 ILE A HG13 1 
ATOM 164 H HG21 . ILE A 1 10 ? 2.710   3.527   -3.919 1.00 0.00 ? 10 ILE A HG21 1 
ATOM 165 H HG22 . ILE A 1 10 ? 1.639   3.019   -5.246 1.00 0.00 ? 10 ILE A HG22 1 
ATOM 166 H HG23 . ILE A 1 10 ? 1.885   4.753   -4.898 1.00 0.00 ? 10 ILE A HG23 1 
ATOM 167 H HD11 . ILE A 1 10 ? -1.409  2.628   -5.363 1.00 0.00 ? 10 ILE A HD11 1 
ATOM 168 H HD12 . ILE A 1 10 ? -0.446  3.841   -6.250 1.00 0.00 ? 10 ILE A HD12 1 
ATOM 169 H HD13 . ILE A 1 10 ? -2.127  4.197   -5.795 1.00 0.00 ? 10 ILE A HD13 1 
ATOM 170 N N    . ASN A 1 11 ? 2.131   2.034   -1.070 1.00 0.00 ? 11 ASN A N    1 
ATOM 171 C CA   . ASN A 1 11 ? 3.295   1.335   -0.436 1.00 0.00 ? 11 ASN A CA   1 
ATOM 172 C C    . ASN A 1 11 ? 2.966   -0.154  -0.079 1.00 0.00 ? 11 ASN A C    1 
ATOM 173 O O    . ASN A 1 11 ? 3.828   -1.019  -0.241 1.00 0.00 ? 11 ASN A O    1 
ATOM 174 C CB   . ASN A 1 11 ? 3.802   2.110   0.813  1.00 0.00 ? 11 ASN A CB   1 
ATOM 175 C CG   . ASN A 1 11 ? 4.418   3.496   0.530  1.00 0.00 ? 11 ASN A CG   1 
ATOM 176 O OD1  . ASN A 1 11 ? 3.745   4.523   0.604  1.00 0.00 ? 11 ASN A OD1  1 
ATOM 177 N ND2  . ASN A 1 11 ? 5.700   3.553   0.198  1.00 0.00 ? 11 ASN A ND2  1 
ATOM 178 H H    . ASN A 1 11 ? 1.561   2.708   -0.543 1.00 0.00 ? 11 ASN A H    1 
ATOM 179 H HA   . ASN A 1 11 ? 4.121   1.300   -1.175 1.00 0.00 ? 11 ASN A HA   1 
ATOM 180 H HB2  . ASN A 1 11 ? 2.977   2.231   1.541  1.00 0.00 ? 11 ASN A HB2  1 
ATOM 181 H HB3  . ASN A 1 11 ? 4.549   1.495   1.354  1.00 0.00 ? 11 ASN A HB3  1 
ATOM 182 H HD21 . ASN A 1 11 ? 6.195   2.657   0.137  1.00 0.00 ? 11 ASN A HD21 1 
ATOM 183 H HD22 . ASN A 1 11 ? 6.085   4.485   0.010  1.00 0.00 ? 11 ASN A HD22 1 
ATOM 184 N N    . ASN A 1 12 ? 1.725   -0.431  0.387  1.00 0.00 ? 12 ASN A N    1 
ATOM 185 C CA   . ASN A 1 12 ? 1.237   -1.799  0.711  1.00 0.00 ? 12 ASN A CA   1 
ATOM 186 C C    . ASN A 1 12 ? 1.146   -2.714  -0.562 1.00 0.00 ? 12 ASN A C    1 
ATOM 187 O O    . ASN A 1 12 ? 1.519   -3.888  -0.485 1.00 0.00 ? 12 ASN A O    1 
ATOM 188 C CB   . ASN A 1 12 ? -0.114  -1.679  1.483  1.00 0.00 ? 12 ASN A CB   1 
ATOM 189 C CG   . ASN A 1 12 ? -0.505  -2.844  2.421  1.00 0.00 ? 12 ASN A CG   1 
ATOM 190 O OD1  . ASN A 1 12 ? -0.808  -2.638  3.596  1.00 0.00 ? 12 ASN A OD1  1 
ATOM 191 N ND2  . ASN A 1 12 ? -0.531  -4.076  1.941  1.00 0.00 ? 12 ASN A ND2  1 
ATOM 192 H H    . ASN A 1 12 ? 1.103   0.386   0.388  1.00 0.00 ? 12 ASN A H    1 
ATOM 193 H HA   . ASN A 1 12 ? 1.967   -2.268  1.387  1.00 0.00 ? 12 ASN A HA   1 
ATOM 194 H HB2  . ASN A 1 12 ? -0.101  -0.771  2.119  1.00 0.00 ? 12 ASN A HB2  1 
ATOM 195 H HB3  . ASN A 1 12 ? -0.945  -1.491  0.776  1.00 0.00 ? 12 ASN A HB3  1 
ATOM 196 H HD21 . ASN A 1 12 ? -0.112  -4.183  1.010  1.00 0.00 ? 12 ASN A HD21 1 
ATOM 197 H HD22 . ASN A 1 12 ? -0.767  -4.824  2.601  1.00 0.00 ? 12 ASN A HD22 1 
ATOM 198 N N    . ARG A 1 13 ? 0.685   -2.176  -1.718 1.00 0.00 ? 13 ARG A N    1 
ATOM 199 C CA   . ARG A 1 13 ? 0.594   -2.919  -3.003 1.00 0.00 ? 13 ARG A CA   1 
ATOM 200 C C    . ARG A 1 13 ? 1.928   -3.414  -3.620 1.00 0.00 ? 13 ARG A C    1 
ATOM 201 O O    . ARG A 1 13 ? 1.871   -4.391  -4.370 1.00 0.00 ? 13 ARG A O    1 
ATOM 202 C CB   . ARG A 1 13 ? -0.263  -2.139  -4.039 1.00 0.00 ? 13 ARG A CB   1 
ATOM 203 C CG   . ARG A 1 13 ? -1.762  -1.950  -3.704 1.00 0.00 ? 13 ARG A CG   1 
ATOM 204 C CD   . ARG A 1 13 ? -2.581  -3.256  -3.585 1.00 0.00 ? 13 ARG A CD   1 
ATOM 205 N NE   . ARG A 1 13 ? -4.009  -3.017  -3.252 1.00 0.00 ? 13 ARG A NE   1 
ATOM 206 C CZ   . ARG A 1 13 ? -4.487  -2.788  -2.010 1.00 0.00 ? 13 ARG A CZ   1 
ATOM 207 N NH1  . ARG A 1 13 ? -3.727  -2.716  -0.918 1.00 0.00 ? 13 ARG A NH1  1 
ATOM 208 N NH2  . ARG A 1 13 ? -5.789  -2.622  -1.869 1.00 0.00 ? 13 ARG A NH2  1 
ATOM 209 H H    . ARG A 1 13 ? 0.401   -1.197  -1.648 1.00 0.00 ? 13 ARG A H    1 
ATOM 210 H HA   . ARG A 1 13 ? 0.094   -3.865  -2.750 1.00 0.00 ? 13 ARG A HA   1 
ATOM 211 H HB2  . ARG A 1 13 ? 0.187   -1.139  -4.205 1.00 0.00 ? 13 ARG A HB2  1 
ATOM 212 H HB3  . ARG A 1 13 ? -0.203  -2.633  -5.026 1.00 0.00 ? 13 ARG A HB3  1 
ATOM 213 H HG2  . ARG A 1 13 ? -1.852  -1.369  -2.769 1.00 0.00 ? 13 ARG A HG2  1 
ATOM 214 H HG3  . ARG A 1 13 ? -2.215  -1.309  -4.484 1.00 0.00 ? 13 ARG A HG3  1 
ATOM 215 H HD2  . ARG A 1 13 ? -2.537  -3.805  -4.544 1.00 0.00 ? 13 ARG A HD2  1 
ATOM 216 H HD3  . ARG A 1 13 ? -2.134  -3.942  -2.841 1.00 0.00 ? 13 ARG A HD3  1 
ATOM 217 H HH11 . ARG A 1 13 ? -2.718  -2.848  -1.052 1.00 0.00 ? 13 ARG A HH11 1 
ATOM 218 H HH12 . ARG A 1 13 ? -4.211  -2.537  -0.032 1.00 0.00 ? 13 ARG A HH12 1 
ATOM 219 H HH21 . ARG A 1 13 ? -6.355  -2.680  -2.723 1.00 0.00 ? 13 ARG A HH21 1 
ATOM 220 H HH22 . ARG A 1 13 ? -6.129  -2.448  -0.916 1.00 0.00 ? 13 ARG A HH22 1 
ATOM 221 N N    . LEU A 1 14 ? 3.098   -2.785  -3.355 1.00 0.00 ? 14 LEU A N    1 
ATOM 222 C CA   . LEU A 1 14 ? 4.408   -3.269  -3.873 1.00 0.00 ? 14 LEU A CA   1 
ATOM 223 C C    . LEU A 1 14 ? 4.733   -4.684  -3.290 1.00 0.00 ? 14 LEU A C    1 
ATOM 224 O O    . LEU A 1 14 ? 5.167   -5.558  -4.042 1.00 0.00 ? 14 LEU A O    1 
ATOM 225 C CB   . LEU A 1 14 ? 5.555   -2.242  -3.631 1.00 0.00 ? 14 LEU A CB   1 
ATOM 226 C CG   . LEU A 1 14 ? 5.689   -1.016  -4.578 1.00 0.00 ? 14 LEU A CG   1 
ATOM 227 C CD1  . LEU A 1 14 ? 5.748   -1.402  -6.069 1.00 0.00 ? 14 LEU A CD1  1 
ATOM 228 C CD2  . LEU A 1 14 ? 4.622   0.067   -4.351 1.00 0.00 ? 14 LEU A CD2  1 
ATOM 229 H H    . LEU A 1 14 ? 3.035   -1.914  -2.830 1.00 0.00 ? 14 LEU A H    1 
ATOM 230 H HA   . LEU A 1 14 ? 4.262   -3.434  -4.949 1.00 0.00 ? 14 LEU A HA   1 
ATOM 231 H HB2  . LEU A 1 14 ? 5.524   -1.887  -2.580 1.00 0.00 ? 14 LEU A HB2  1 
ATOM 232 H HB3  . LEU A 1 14 ? 6.521   -2.778  -3.691 1.00 0.00 ? 14 LEU A HB3  1 
ATOM 233 H HG   . LEU A 1 14 ? 6.660   -0.546  -4.334 1.00 0.00 ? 14 LEU A HG   1 
ATOM 234 H HD11 . LEU A 1 14 ? 4.778   -1.788  -6.432 1.00 0.00 ? 14 LEU A HD11 1 
ATOM 235 H HD12 . LEU A 1 14 ? 6.009   -0.533  -6.700 1.00 0.00 ? 14 LEU A HD12 1 
ATOM 236 H HD13 . LEU A 1 14 ? 6.507   -2.185  -6.255 1.00 0.00 ? 14 LEU A HD13 1 
ATOM 237 H HD21 . LEU A 1 14 ? 4.834   0.980   -4.938 1.00 0.00 ? 14 LEU A HD21 1 
ATOM 238 H HD22 . LEU A 1 14 ? 4.580   0.374   -3.290 1.00 0.00 ? 14 LEU A HD22 1 
ATOM 239 H HD23 . LEU A 1 14 ? 3.613   -0.278  -4.641 1.00 0.00 ? 14 LEU A HD23 1 
ATOM 240 N N    . LEU A 1 15 ? 4.502   -4.899  -1.976 1.00 0.00 ? 15 LEU A N    1 
ATOM 241 C CA   . LEU A 1 15 ? 4.693   -6.203  -1.297 1.00 0.00 ? 15 LEU A CA   1 
ATOM 242 C C    . LEU A 1 15 ? 3.651   -7.255  -1.792 1.00 0.00 ? 15 LEU A C    1 
ATOM 243 O O    . LEU A 1 15 ? 3.995   -8.435  -1.816 1.00 0.00 ? 15 LEU A O    1 
ATOM 244 C CB   . LEU A 1 15 ? 4.677   -6.085  0.256  1.00 0.00 ? 15 LEU A CB   1 
ATOM 245 C CG   . LEU A 1 15 ? 5.673   -5.131  0.984  1.00 0.00 ? 15 LEU A CG   1 
ATOM 246 C CD1  . LEU A 1 15 ? 7.115   -5.223  0.449  1.00 0.00 ? 15 LEU A CD1  1 
ATOM 247 C CD2  . LEU A 1 15 ? 5.202   -3.664  1.017  1.00 0.00 ? 15 LEU A CD2  1 
ATOM 248 H H    . LEU A 1 15 ? 4.276   -4.056  -1.449 1.00 0.00 ? 15 LEU A H    1 
ATOM 249 H HA   . LEU A 1 15 ? 5.670   -6.595  -1.617 1.00 0.00 ? 15 LEU A HA   1 
ATOM 250 H HB2  . LEU A 1 15 ? 3.649   -5.851  0.596  1.00 0.00 ? 15 LEU A HB2  1 
ATOM 251 H HB3  . LEU A 1 15 ? 4.861   -7.100  0.660  1.00 0.00 ? 15 LEU A HB3  1 
ATOM 252 H HG   . LEU A 1 15 ? 5.700   -5.463  2.039  1.00 0.00 ? 15 LEU A HG   1 
ATOM 253 H HD11 . LEU A 1 15 ? 7.192   -4.849  -0.590 1.00 0.00 ? 15 LEU A HD11 1 
ATOM 254 H HD12 . LEU A 1 15 ? 7.481   -6.265  0.451  1.00 0.00 ? 15 LEU A HD12 1 
ATOM 255 H HD13 . LEU A 1 15 ? 7.813   -4.626  1.063  1.00 0.00 ? 15 LEU A HD13 1 
ATOM 256 H HD21 . LEU A 1 15 ? 4.166   -3.573  1.393  1.00 0.00 ? 15 LEU A HD21 1 
ATOM 257 H HD22 . LEU A 1 15 ? 5.837   -3.050  1.683  1.00 0.00 ? 15 LEU A HD22 1 
ATOM 258 H HD23 . LEU A 1 15 ? 5.235   -3.191  0.019  1.00 0.00 ? 15 LEU A HD23 1 
ATOM 259 N N    . ASN A 1 16 ? 2.400   -6.866  -2.155 1.00 0.00 ? 16 ASN A N    1 
ATOM 260 C CA   . ASN A 1 16 ? 1.375   -7.797  -2.693 1.00 0.00 ? 16 ASN A CA   1 
ATOM 261 C C    . ASN A 1 16 ? 1.738   -8.243  -4.142 1.00 0.00 ? 16 ASN A C    1 
ATOM 262 O O    . ASN A 1 16 ? 1.581   -9.423  -4.456 1.00 0.00 ? 16 ASN A O    1 
ATOM 263 C CB   . ASN A 1 16 ? -0.040  -7.161  -2.567 1.00 0.00 ? 16 ASN A CB   1 
ATOM 264 C CG   . ASN A 1 16 ? -1.200  -8.127  -2.268 1.00 0.00 ? 16 ASN A CG   1 
ATOM 265 O OD1  . ASN A 1 16 ? -1.871  -8.031  -1.240 1.00 0.00 ? 16 ASN A OD1  1 
ATOM 266 N ND2  . ASN A 1 16 ? -1.467  -9.056  -3.164 1.00 0.00 ? 16 ASN A ND2  1 
ATOM 267 H H    . ASN A 1 16 ? 2.196   -5.864  -2.082 1.00 0.00 ? 16 ASN A H    1 
ATOM 268 H HA   . ASN A 1 16 ? 1.443   -8.709  -2.082 1.00 0.00 ? 16 ASN A HA   1 
ATOM 269 H HB2  . ASN A 1 16 ? -0.021  -6.422  -1.756 1.00 0.00 ? 16 ASN A HB2  1 
ATOM 270 H HB3  . ASN A 1 16 ? -0.292  -6.556  -3.459 1.00 0.00 ? 16 ASN A HB3  1 
ATOM 271 H HD21 . ASN A 1 16 ? -0.736  -9.159  -3.875 1.00 0.00 ? 16 ASN A HD21 1 
ATOM 272 H HD22 . ASN A 1 16 ? -2.212  -9.724  -2.935 1.00 0.00 ? 16 ASN A HD22 1 
ATOM 273 N N    . GLU A 1 17 ? 2.205   -7.319  -5.017 1.00 0.00 ? 17 GLU A N    1 
ATOM 274 C CA   . GLU A 1 17 ? 2.641   -7.664  -6.402 1.00 0.00 ? 17 GLU A CA   1 
ATOM 275 C C    . GLU A 1 17 ? 3.886   -8.636  -6.410 1.00 0.00 ? 17 GLU A C    1 
ATOM 276 O O    . GLU A 1 17 ? 3.961   -9.542  -7.243 1.00 0.00 ? 17 GLU A O    1 
ATOM 277 C CB   . GLU A 1 17 ? 2.782   -6.470  -7.380 1.00 0.00 ? 17 GLU A CB   1 
ATOM 278 C CG   . GLU A 1 17 ? 3.949   -5.509  -7.153 1.00 0.00 ? 17 GLU A CG   1 
ATOM 279 C CD   . GLU A 1 17 ? 4.133   -4.477  -8.265 1.00 0.00 ? 17 GLU A CD   1 
ATOM 280 O OE1  . GLU A 1 17 ? 3.526   -3.406  -8.305 1.00 0.00 ? 17 GLU A OE1  1 
ATOM 281 O OE2  . GLU A 1 17 ? 5.046   -4.884  -9.204 1.00 0.00 ? 17 GLU A OE2  1 
ATOM 282 H H    . GLU A 1 17 ? 2.216   -6.379  -4.610 1.00 0.00 ? 17 GLU A H    1 
ATOM 283 H HA   . GLU A 1 17 ? 1.796   -8.187  -6.827 1.00 0.00 ? 17 GLU A HA   1 
ATOM 284 H HB2  . GLU A 1 17 ? 2.861   -6.872  -8.406 1.00 0.00 ? 17 GLU A HB2  1 
ATOM 285 H HB3  . GLU A 1 17 ? 1.844   -5.881  -7.372 1.00 0.00 ? 17 GLU A HB3  1 
ATOM 286 H HG2  . GLU A 1 17 ? 3.723   -4.994  -6.228 1.00 0.00 ? 17 GLU A HG2  1 
ATOM 287 H HG3  . GLU A 1 17 ? 4.887   -6.057  -6.967 1.00 0.00 ? 17 GLU A HG3  1 
ATOM 288 H HE2  . GLU A 1 17 ? 5.411   -5.748  -9.000 1.00 0.00 ? 17 GLU A HE2  1 
ATOM 289 N N    . HIS A 1 18 ? 4.829   -8.433  -5.462 1.00 0.00 ? 18 HIS A N    1 
ATOM 290 C CA   . HIS A 1 18 ? 6.046   -9.261  -5.262 1.00 0.00 ? 18 HIS A CA   1 
ATOM 291 C C    . HIS A 1 18 ? 5.758   -10.631 -4.583 1.00 0.00 ? 18 HIS A C    1 
ATOM 292 O O    . HIS A 1 18 ? 6.149   -11.669 -5.125 1.00 0.00 ? 18 HIS A O    1 
ATOM 293 C CB   . HIS A 1 18 ? 7.096   -8.438  -4.472 1.00 0.00 ? 18 HIS A CB   1 
ATOM 294 C CG   . HIS A 1 18 ? 8.263   -7.948  -5.325 1.00 0.00 ? 18 HIS A CG   1 
ATOM 295 N ND1  . HIS A 1 18 ? 8.395   -6.649  -5.809 1.00 0.00 ? 18 HIS A ND1  1 
ATOM 296 C CD2  . HIS A 1 18 ? 9.369   -8.734  -5.699 1.00 0.00 ? 18 HIS A CD2  1 
ATOM 297 C CE1  . HIS A 1 18 ? 9.607   -6.781  -6.447 1.00 0.00 ? 18 HIS A CE1  1 
ATOM 298 N NE2  . HIS A 1 18 ? 10.261  -7.984  -6.438 1.00 0.00 ? 18 HIS A NE2  1 
ATOM 299 H H    . HIS A 1 18 ? 4.619   -7.661  -4.818 1.00 0.00 ? 18 HIS A H    1 
ATOM 300 H HA   . HIS A 1 18 ? 6.499   -9.456  -6.236 1.00 0.00 ? 18 HIS A HA   1 
ATOM 301 H HB2  . HIS A 1 18 ? 6.600   -7.595  -3.987 1.00 0.00 ? 18 HIS A HB2  1 
ATOM 302 H HB3  . HIS A 1 18 ? 7.489   -8.991  -3.602 1.00 0.00 ? 18 HIS A HB3  1 
ATOM 303 H HD2  . HIS A 1 18 ? 9.513   -9.772  -5.438 1.00 0.00 ? 18 HIS A HD2  1 
ATOM 304 H HE1  . HIS A 1 18 ? 10.043  -5.934  -6.956 1.00 0.00 ? 18 HIS A HE1  1 
ATOM 305 H HE2  . HIS A 1 18 ? 11.162  -8.247  -6.853 1.00 0.00 ? 18 HIS A HE2  1 
ATOM 306 N N    . ALA A 1 19 ? 5.089   -10.623 -3.411 1.00 0.00 ? 19 ALA A N    1 
ATOM 307 C CA   . ALA A 1 19 ? 4.753   -11.865 -2.659 1.00 0.00 ? 19 ALA A CA   1 
ATOM 308 C C    . ALA A 1 19 ? 3.642   -12.728 -3.312 1.00 0.00 ? 19 ALA A C    1 
ATOM 309 O O    . ALA A 1 19 ? 3.899   -13.888 -3.650 1.00 0.00 ? 19 ALA A O    1 
ATOM 310 C CB   . ALA A 1 19 ? 4.455   -11.528 -1.183 1.00 0.00 ? 19 ALA A CB   1 
ATOM 311 H H    . ALA A 1 19 ? 4.770   -9.681  -3.129 1.00 0.00 ? 19 ALA A H    1 
ATOM 312 H HA   . ALA A 1 19 ? 5.661   -12.491 -2.636 1.00 0.00 ? 19 ALA A HA   1 
ATOM 313 H HB1  . ALA A 1 19 ? 5.284   -10.968 -0.712 1.00 0.00 ? 19 ALA A HB1  1 
ATOM 314 H HB2  . ALA A 1 19 ? 4.311   -12.446 -0.583 1.00 0.00 ? 19 ALA A HB2  1 
ATOM 315 H HB3  . ALA A 1 19 ? 3.538   -10.921 -1.067 1.00 0.00 ? 19 ALA A HB3  1 
ATOM 316 N N    . HIS A 1 20 ? 2.433   -12.166 -3.500 1.00 0.00 ? 20 HIS A N    1 
ATOM 317 C CA   . HIS A 1 20 ? 1.306   -12.881 -4.155 1.00 0.00 ? 20 HIS A CA   1 
ATOM 318 C C    . HIS A 1 20 ? 1.396   -12.736 -5.704 1.00 0.00 ? 20 HIS A C    1 
ATOM 319 O O    . HIS A 1 20 ? 1.340   -11.641 -6.266 1.00 0.00 ? 20 HIS A O    1 
ATOM 320 C CB   . HIS A 1 20 ? -0.033  -12.403 -3.575 1.00 0.00 ? 20 HIS A CB   1 
ATOM 321 C CG   . HIS A 1 20 ? -1.186  -13.334 -3.925 1.00 0.00 ? 20 HIS A CG   1 
ATOM 322 N ND1  . HIS A 1 20 ? -2.427  -12.912 -4.390 1.00 0.00 ? 20 HIS A ND1  1 
ATOM 323 C CD2  . HIS A 1 20 ? -1.132  -14.735 -3.835 1.00 0.00 ? 20 HIS A CD2  1 
ATOM 324 C CE1  . HIS A 1 20 ? -3.022  -14.142 -4.543 1.00 0.00 ? 20 HIS A CE1  1 
ATOM 325 N NE2  . HIS A 1 20 ? -2.332  -15.284 -4.237 1.00 0.00 ? 20 HIS A NE2  1 
ATOM 326 H H    . HIS A 1 20 ? 2.381   -11.191 -3.174 1.00 0.00 ? 20 HIS A H    1 
ATOM 327 H HA   . HIS A 1 20 ? 1.324   -13.938 -3.866 1.00 0.00 ? 20 HIS A HA   1 
ATOM 328 H HB2  . HIS A 1 20 ? 0.018   -12.314 -2.472 1.00 0.00 ? 20 HIS A HB2  1 
ATOM 329 H HB3  . HIS A 1 20 ? -0.217  -11.395 -3.950 1.00 0.00 ? 20 HIS A HB3  1 
ATOM 330 H HD2  . HIS A 1 20 ? -0.276  -15.307 -3.508 1.00 0.00 ? 20 HIS A HD2  1 
ATOM 331 H HE1  . HIS A 1 20 ? -4.038  -14.206 -4.905 1.00 0.00 ? 20 HIS A HE1  1 
ATOM 332 H HE2  . HIS A 1 20 ? -2.623  -16.267 -4.296 1.00 0.00 ? 20 HIS A HE2  1 
# 
